data_2LKJ
#
_entry.id   2LKJ
#
_entity_poly.entity_id   1
_entity_poly.type   'polypeptide(L)'
_entity_poly.pdbx_seq_one_letter_code
;KLGFFKRQYKDMM(SEP)EGGPPGAEPQ
;
_entity_poly.pdbx_strand_id   A
#
# COMPACT_ATOMS: atom_id res chain seq x y z
N LYS A 1 2.17 -16.56 -0.70
CA LYS A 1 2.13 -15.12 -0.91
C LYS A 1 0.85 -14.53 -0.33
N LEU A 2 -0.22 -15.33 -0.34
CA LEU A 2 -1.51 -14.89 0.18
C LEU A 2 -1.36 -14.29 1.57
N GLY A 3 -1.49 -12.97 1.67
CA GLY A 3 -1.37 -12.30 2.95
C GLY A 3 -0.18 -11.37 3.01
N PHE A 4 0.82 -11.63 2.16
CA PHE A 4 2.02 -10.82 2.13
C PHE A 4 1.83 -9.62 1.20
N PHE A 5 1.28 -9.87 0.02
CA PHE A 5 1.04 -8.80 -0.95
C PHE A 5 -0.24 -8.05 -0.63
N LYS A 6 -1.17 -8.73 0.02
CA LYS A 6 -2.45 -8.12 0.38
C LYS A 6 -2.24 -7.01 1.41
N ARG A 7 -1.31 -7.22 2.33
CA ARG A 7 -1.02 -6.24 3.37
C ARG A 7 -0.07 -5.16 2.85
N GLN A 8 0.82 -5.55 1.94
CA GLN A 8 1.78 -4.62 1.36
C GLN A 8 1.13 -3.76 0.30
N TYR A 9 0.05 -4.27 -0.29
CA TYR A 9 -0.67 -3.54 -1.33
C TYR A 9 -1.65 -2.54 -0.73
N LYS A 10 -2.23 -2.90 0.41
CA LYS A 10 -3.17 -2.04 1.09
C LYS A 10 -2.46 -0.89 1.80
N ASP A 11 -1.20 -1.12 2.15
CA ASP A 11 -0.41 -0.11 2.84
C ASP A 11 0.03 0.99 1.86
N MET A 12 0.36 0.58 0.64
CA MET A 12 0.80 1.51 -0.38
C MET A 12 -0.39 2.14 -1.10
N MET A 13 -1.56 1.56 -0.90
CA MET A 13 -2.78 2.05 -1.53
C MET A 13 -3.24 3.36 -0.87
N GLU A 15 -0.84 5.40 0.82
CA GLU A 15 0.28 6.32 0.69
C GLU A 15 0.52 6.68 -0.77
N GLY A 16 0.36 5.70 -1.65
CA GLY A 16 0.55 5.93 -3.07
C GLY A 16 1.96 6.40 -3.39
N GLY A 17 2.87 6.21 -2.44
CA GLY A 17 4.25 6.62 -2.65
C GLY A 17 4.72 7.61 -1.60
N PRO A 18 4.10 8.80 -1.57
CA PRO A 18 4.45 9.85 -0.62
C PRO A 18 4.03 9.51 0.80
N PRO A 19 4.42 10.36 1.77
CA PRO A 19 4.10 10.16 3.19
C PRO A 19 2.61 10.37 3.47
N GLY A 20 1.78 9.49 2.93
CA GLY A 20 0.35 9.60 3.14
C GLY A 20 -0.25 10.81 2.43
N ALA A 21 0.18 11.05 1.20
CA ALA A 21 -0.32 12.18 0.42
C ALA A 21 -1.44 11.74 -0.52
N GLU A 22 -1.10 10.88 -1.47
CA GLU A 22 -2.08 10.38 -2.43
C GLU A 22 -2.35 8.89 -2.23
N PRO A 23 -3.63 8.54 -2.05
CA PRO A 23 -4.04 7.15 -1.84
C PRO A 23 -3.87 6.29 -3.10
N GLN A 24 -2.66 5.82 -3.33
CA GLN A 24 -2.36 4.99 -4.49
C GLN A 24 -1.66 3.70 -4.08
N LYS A 1 2.11 -16.78 -0.77
CA LYS A 1 2.01 -15.37 -1.10
C LYS A 1 0.76 -14.75 -0.50
N LEU A 2 -0.32 -15.51 -0.48
CA LEU A 2 -1.59 -15.04 0.07
C LEU A 2 -1.39 -14.45 1.46
N GLY A 3 -1.50 -13.13 1.55
CA GLY A 3 -1.33 -12.46 2.83
C GLY A 3 -0.12 -11.55 2.85
N PHE A 4 0.84 -11.82 1.98
CA PHE A 4 2.07 -11.02 1.91
C PHE A 4 1.86 -9.82 0.99
N PHE A 5 1.26 -10.06 -0.16
CA PHE A 5 1.01 -8.98 -1.13
C PHE A 5 -0.25 -8.20 -0.75
N LYS A 6 -1.18 -8.88 -0.07
CA LYS A 6 -2.43 -8.25 0.34
C LYS A 6 -2.17 -7.15 1.37
N ARG A 7 -1.20 -7.39 2.25
CA ARG A 7 -0.85 -6.42 3.27
C ARG A 7 0.09 -5.35 2.74
N GLN A 8 0.95 -5.75 1.80
CA GLN A 8 1.90 -4.83 1.19
C GLN A 8 1.23 -3.94 0.15
N TYR A 9 0.11 -4.43 -0.39
CA TYR A 9 -0.62 -3.69 -1.41
C TYR A 9 -1.56 -2.67 -0.77
N LYS A 10 -2.10 -3.04 0.39
CA LYS A 10 -3.02 -2.15 1.12
C LYS A 10 -2.27 -1.04 1.83
N ASP A 11 -0.99 -1.30 2.13
CA ASP A 11 -0.16 -0.31 2.81
C ASP A 11 0.32 0.76 1.84
N MET A 12 0.57 0.36 0.59
CA MET A 12 1.02 1.29 -0.43
C MET A 12 -0.15 2.01 -1.07
N MET A 13 -1.33 1.39 -1.01
CA MET A 13 -2.53 1.98 -1.58
C MET A 13 -3.07 3.10 -0.70
N GLU A 15 -0.72 5.31 1.02
CA GLU A 15 0.24 6.40 0.88
C GLU A 15 0.49 6.72 -0.59
N GLY A 16 0.47 5.69 -1.43
CA GLY A 16 0.69 5.88 -2.85
C GLY A 16 2.10 6.37 -3.15
N GLY A 17 2.98 6.30 -2.16
CA GLY A 17 4.35 6.73 -2.35
C GLY A 17 4.76 7.80 -1.35
N PRO A 18 4.10 8.95 -1.40
CA PRO A 18 4.38 10.07 -0.50
C PRO A 18 3.95 9.79 0.93
N PRO A 19 4.32 10.69 1.85
CA PRO A 19 3.99 10.55 3.28
C PRO A 19 2.50 10.75 3.54
N GLY A 20 1.69 9.86 2.99
CA GLY A 20 0.25 9.95 3.18
C GLY A 20 -0.36 11.10 2.42
N ALA A 21 0.09 11.31 1.18
CA ALA A 21 -0.42 12.39 0.35
C ALA A 21 -1.50 11.88 -0.60
N GLU A 22 -1.11 10.99 -1.51
CA GLU A 22 -2.06 10.43 -2.48
C GLU A 22 -2.29 8.95 -2.21
N PRO A 23 -3.51 8.61 -1.75
CA PRO A 23 -3.88 7.23 -1.46
C PRO A 23 -4.01 6.37 -2.72
N GLN A 24 -3.08 5.44 -2.89
CA GLN A 24 -3.09 4.56 -4.05
C GLN A 24 -4.03 3.38 -3.83
N LYS A 1 2.26 -16.79 -0.60
CA LYS A 1 2.21 -15.35 -0.85
C LYS A 1 0.91 -14.75 -0.33
N LEU A 2 -0.15 -15.55 -0.33
CA LEU A 2 -1.46 -15.09 0.14
C LEU A 2 -1.34 -14.46 1.52
N GLY A 3 -1.48 -13.15 1.58
CA GLY A 3 -1.39 -12.44 2.84
C GLY A 3 -0.20 -11.51 2.92
N PHE A 4 0.82 -11.78 2.11
CA PHE A 4 2.02 -10.97 2.07
C PHE A 4 1.86 -9.79 1.12
N PHE A 5 1.32 -10.06 -0.06
CA PHE A 5 1.11 -9.03 -1.07
C PHE A 5 -0.17 -8.27 -0.80
N LYS A 6 -1.13 -8.94 -0.15
CA LYS A 6 -2.41 -8.33 0.16
C LYS A 6 -2.24 -7.19 1.18
N ARG A 7 -1.32 -7.39 2.11
CA ARG A 7 -1.05 -6.38 3.14
C ARG A 7 -0.10 -5.31 2.62
N GLN A 8 0.82 -5.72 1.75
CA GLN A 8 1.79 -4.80 1.18
C GLN A 8 1.16 -3.96 0.07
N TYR A 9 0.09 -4.48 -0.53
CA TYR A 9 -0.60 -3.78 -1.60
C TYR A 9 -1.60 -2.77 -1.04
N LYS A 10 -2.20 -3.11 0.10
CA LYS A 10 -3.17 -2.23 0.73
C LYS A 10 -2.47 -1.12 1.51
N ASP A 11 -1.21 -1.36 1.87
CA ASP A 11 -0.44 -0.37 2.61
C ASP A 11 0.16 0.67 1.67
N MET A 12 0.38 0.28 0.42
CA MET A 12 0.95 1.18 -0.57
C MET A 12 -0.14 1.95 -1.31
N MET A 13 -1.33 1.37 -1.36
CA MET A 13 -2.47 2.00 -2.03
C MET A 13 -3.04 3.11 -1.17
N GLU A 15 -0.79 5.21 0.82
CA GLU A 15 0.20 6.27 0.79
C GLU A 15 0.59 6.63 -0.64
N GLY A 16 0.62 5.62 -1.50
CA GLY A 16 0.97 5.84 -2.89
C GLY A 16 2.41 6.30 -3.06
N GLY A 17 3.19 6.18 -1.99
CA GLY A 17 4.58 6.59 -2.05
C GLY A 17 4.93 7.61 -0.98
N PRO A 18 4.30 8.79 -1.06
CA PRO A 18 4.53 9.88 -0.10
C PRO A 18 3.97 9.56 1.28
N PRO A 19 4.27 10.43 2.26
CA PRO A 19 3.81 10.26 3.63
C PRO A 19 2.31 10.48 3.77
N GLY A 20 1.53 9.63 3.12
CA GLY A 20 0.08 9.75 3.18
C GLY A 20 -0.44 10.95 2.40
N ALA A 21 0.13 11.17 1.23
CA ALA A 21 -0.27 12.29 0.38
C ALA A 21 -1.28 11.83 -0.67
N GLU A 22 -0.83 10.98 -1.57
CA GLU A 22 -1.69 10.47 -2.64
C GLU A 22 -1.97 8.98 -2.45
N PRO A 23 -3.23 8.65 -2.12
CA PRO A 23 -3.65 7.26 -1.91
C PRO A 23 -3.68 6.46 -3.21
N GLN A 24 -2.79 5.48 -3.29
CA GLN A 24 -2.71 4.62 -4.48
C GLN A 24 -3.69 3.47 -4.39
N LYS A 1 2.21 -16.65 -0.65
CA LYS A 1 2.16 -15.20 -0.88
C LYS A 1 0.87 -14.62 -0.31
N LEU A 2 -0.20 -15.42 -0.30
CA LEU A 2 -1.48 -14.97 0.22
C LEU A 2 -1.32 -14.34 1.60
N GLY A 3 -1.46 -13.02 1.66
CA GLY A 3 -1.34 -12.32 2.93
C GLY A 3 -0.15 -11.37 2.95
N PHE A 4 0.84 -11.66 2.11
CA PHE A 4 2.04 -10.83 2.05
C PHE A 4 1.84 -9.66 1.08
N PHE A 5 1.28 -9.96 -0.09
CA PHE A 5 1.04 -8.93 -1.10
C PHE A 5 -0.25 -8.17 -0.79
N LYS A 6 -1.18 -8.83 -0.11
CA LYS A 6 -2.45 -8.21 0.24
C LYS A 6 -2.24 -7.07 1.23
N ARG A 7 -1.30 -7.24 2.14
CA ARG A 7 -1.01 -6.22 3.14
C ARG A 7 -0.07 -5.16 2.58
N GLN A 8 0.82 -5.58 1.68
CA GLN A 8 1.77 -4.66 1.06
C GLN A 8 1.10 -3.84 -0.04
N TYR A 9 0.02 -4.37 -0.58
CA TYR A 9 -0.71 -3.69 -1.64
C TYR A 9 -1.68 -2.67 -1.07
N LYS A 10 -2.26 -2.99 0.09
CA LYS A 10 -3.20 -2.10 0.74
C LYS A 10 -2.48 -0.98 1.48
N ASP A 11 -1.21 -1.21 1.78
CA ASP A 11 -0.40 -0.21 2.49
C ASP A 11 0.16 0.82 1.51
N MET A 12 0.34 0.42 0.26
CA MET A 12 0.86 1.30 -0.76
C MET A 12 -0.27 2.06 -1.46
N MET A 13 -1.47 1.50 -1.41
CA MET A 13 -2.63 2.12 -2.03
C MET A 13 -3.18 3.24 -1.16
N GLU A 15 -0.85 5.36 0.71
CA GLU A 15 0.15 6.42 0.64
C GLU A 15 0.49 6.74 -0.81
N GLY A 16 0.51 5.69 -1.65
CA GLY A 16 0.83 5.88 -3.04
C GLY A 16 2.27 6.31 -3.26
N GLY A 17 3.08 6.20 -2.21
CA GLY A 17 4.48 6.58 -2.30
C GLY A 17 4.86 7.62 -1.26
N PRO A 18 4.25 8.81 -1.35
CA PRO A 18 4.53 9.91 -0.41
C PRO A 18 3.99 9.62 0.98
N PRO A 19 4.33 10.50 1.94
CA PRO A 19 3.89 10.37 3.33
C PRO A 19 2.39 10.62 3.50
N GLY A 20 1.58 9.77 2.88
CA GLY A 20 0.15 9.91 2.97
C GLY A 20 -0.37 11.10 2.18
N ALA A 21 0.18 11.30 0.99
CA ALA A 21 -0.23 12.41 0.13
C ALA A 21 -1.26 11.95 -0.89
N GLU A 22 -0.86 11.06 -1.79
CA GLU A 22 -1.76 10.55 -2.82
C GLU A 22 -2.07 9.07 -2.59
N PRO A 23 -3.31 8.78 -2.20
CA PRO A 23 -3.77 7.41 -1.93
C PRO A 23 -3.87 6.58 -3.21
N GLN A 24 -3.02 5.57 -3.33
CA GLN A 24 -3.01 4.70 -4.50
C GLN A 24 -4.02 3.57 -4.34
N LYS A 1 2.53 -16.61 -0.51
CA LYS A 1 2.39 -15.21 -0.86
C LYS A 1 1.16 -14.60 -0.20
N LEU A 2 0.09 -15.40 -0.11
CA LEU A 2 -1.15 -14.95 0.51
C LEU A 2 -0.89 -14.33 1.87
N GLY A 3 -1.02 -13.00 1.95
CA GLY A 3 -0.80 -12.31 3.21
C GLY A 3 0.39 -11.38 3.15
N PHE A 4 1.31 -11.64 2.23
CA PHE A 4 2.50 -10.81 2.07
C PHE A 4 2.22 -9.63 1.16
N PHE A 5 1.56 -9.89 0.03
CA PHE A 5 1.23 -8.85 -0.93
C PHE A 5 -0.02 -8.10 -0.51
N LYS A 6 -0.89 -8.78 0.24
CA LYS A 6 -2.13 -8.17 0.70
C LYS A 6 -1.84 -7.04 1.70
N ARG A 7 -0.83 -7.24 2.52
CA ARG A 7 -0.45 -6.24 3.52
C ARG A 7 0.44 -5.16 2.90
N GLN A 8 1.25 -5.56 1.93
CA GLN A 8 2.15 -4.63 1.26
C GLN A 8 1.39 -3.79 0.23
N TYR A 9 0.27 -4.31 -0.24
CA TYR A 9 -0.54 -3.61 -1.23
C TYR A 9 -1.47 -2.59 -0.55
N LYS A 10 -1.94 -2.94 0.64
CA LYS A 10 -2.83 -2.07 1.39
C LYS A 10 -2.06 -0.90 2.00
N ASP A 11 -0.78 -1.11 2.26
CA ASP A 11 0.07 -0.07 2.83
C ASP A 11 0.38 1.01 1.80
N MET A 12 0.64 0.58 0.57
CA MET A 12 0.96 1.50 -0.51
C MET A 12 -0.31 2.09 -1.11
N MET A 13 -1.45 1.50 -0.77
CA MET A 13 -2.73 1.98 -1.28
C MET A 13 -3.14 3.28 -0.60
N GLU A 15 -0.60 5.37 0.81
CA GLU A 15 0.49 6.29 0.55
C GLU A 15 0.58 6.64 -0.93
N GLY A 16 0.34 5.64 -1.79
CA GLY A 16 0.39 5.86 -3.21
C GLY A 16 1.76 6.32 -3.68
N GLY A 17 2.76 6.15 -2.83
CA GLY A 17 4.11 6.57 -3.17
C GLY A 17 4.67 7.58 -2.19
N PRO A 18 4.05 8.76 -2.13
CA PRO A 18 4.49 9.83 -1.22
C PRO A 18 4.22 9.50 0.24
N PRO A 19 4.70 10.37 1.14
CA PRO A 19 4.52 10.19 2.59
C PRO A 19 3.07 10.41 3.02
N GLY A 20 2.19 9.51 2.58
CA GLY A 20 0.78 9.62 2.93
C GLY A 20 0.12 10.81 2.27
N ALA A 21 0.42 11.02 1.00
CA ALA A 21 -0.17 12.13 0.26
C ALA A 21 -1.37 11.69 -0.56
N GLU A 22 -1.13 10.80 -1.53
CA GLU A 22 -2.19 10.29 -2.38
C GLU A 22 -2.42 8.81 -2.12
N PRO A 23 -3.67 8.45 -1.82
CA PRO A 23 -4.06 7.06 -1.55
C PRO A 23 -4.02 6.19 -2.80
N GLN A 24 -2.83 5.71 -3.14
CA GLN A 24 -2.65 4.87 -4.32
C GLN A 24 -1.91 3.58 -3.96
N LYS A 1 2.45 -16.69 -0.54
CA LYS A 1 2.31 -15.29 -0.88
C LYS A 1 1.01 -14.71 -0.35
N LEU A 2 -0.04 -15.51 -0.37
CA LEU A 2 -1.35 -15.08 0.12
C LEU A 2 -1.23 -14.47 1.52
N GLY A 3 -1.39 -13.16 1.59
CA GLY A 3 -1.30 -12.48 2.88
C GLY A 3 -0.12 -11.52 2.94
N PHE A 4 0.89 -11.77 2.12
CA PHE A 4 2.07 -10.93 2.10
C PHE A 4 1.87 -9.73 1.17
N PHE A 5 1.34 -10.00 -0.02
CA PHE A 5 1.10 -8.95 -1.00
C PHE A 5 -0.21 -8.21 -0.70
N LYS A 6 -1.13 -8.91 -0.05
CA LYS A 6 -2.42 -8.32 0.30
C LYS A 6 -2.25 -7.21 1.33
N ARG A 7 -1.31 -7.41 2.26
CA ARG A 7 -1.05 -6.43 3.30
C ARG A 7 -0.12 -5.33 2.79
N GLN A 8 0.79 -5.70 1.90
CA GLN A 8 1.73 -4.74 1.34
C GLN A 8 1.09 -3.90 0.25
N TYR A 9 0.01 -4.42 -0.34
CA TYR A 9 -0.70 -3.71 -1.39
C TYR A 9 -1.70 -2.73 -0.79
N LYS A 10 -2.28 -3.10 0.35
CA LYS A 10 -3.26 -2.25 1.02
C LYS A 10 -2.57 -1.09 1.74
N ASP A 11 -1.32 -1.30 2.11
CA ASP A 11 -0.54 -0.28 2.81
C ASP A 11 -0.05 0.79 1.84
N MET A 12 0.34 0.37 0.64
CA MET A 12 0.82 1.29 -0.37
C MET A 12 -0.34 1.91 -1.15
N MET A 13 -1.52 1.32 -0.99
CA MET A 13 -2.71 1.82 -1.67
C MET A 13 -3.18 3.13 -1.07
N GLU A 15 -0.86 5.16 0.72
CA GLU A 15 0.28 6.05 0.65
C GLU A 15 0.60 6.40 -0.80
N GLY A 16 0.46 5.43 -1.68
CA GLY A 16 0.73 5.66 -3.09
C GLY A 16 2.17 6.08 -3.34
N GLY A 17 3.02 5.87 -2.35
CA GLY A 17 4.41 6.24 -2.48
C GLY A 17 4.86 7.23 -1.41
N PRO A 18 4.28 8.43 -1.43
CA PRO A 18 4.61 9.48 -0.46
C PRO A 18 4.11 9.15 0.95
N PRO A 19 4.48 10.00 1.92
CA PRO A 19 4.08 9.82 3.31
C PRO A 19 2.59 10.07 3.52
N GLY A 20 1.76 9.21 2.95
CA GLY A 20 0.32 9.37 3.09
C GLY A 20 -0.21 10.57 2.36
N ALA A 21 0.29 10.79 1.15
CA ALA A 21 -0.14 11.93 0.34
C ALA A 21 -1.23 11.52 -0.66
N GLU A 22 -0.87 10.63 -1.58
CA GLU A 22 -1.81 10.15 -2.59
C GLU A 22 -2.13 8.68 -2.39
N PRO A 23 -3.42 8.36 -2.27
CA PRO A 23 -3.89 6.99 -2.07
C PRO A 23 -3.69 6.12 -3.31
N GLN A 24 -2.48 5.62 -3.48
CA GLN A 24 -2.16 4.77 -4.63
C GLN A 24 -1.51 3.47 -4.18
N LYS A 1 1.59 -16.68 -0.23
CA LYS A 1 1.55 -15.27 -0.59
C LYS A 1 0.32 -14.58 -0.02
N LEU A 2 -0.80 -15.30 0.01
CA LEU A 2 -2.05 -14.77 0.54
C LEU A 2 -1.83 -14.15 1.92
N GLY A 3 -1.88 -12.83 1.98
CA GLY A 3 -1.69 -12.13 3.24
C GLY A 3 -0.45 -11.27 3.25
N PHE A 4 0.51 -11.61 2.39
CA PHE A 4 1.76 -10.86 2.30
C PHE A 4 1.62 -9.68 1.34
N PHE A 5 1.04 -9.95 0.17
CA PHE A 5 0.85 -8.91 -0.84
C PHE A 5 -0.41 -8.10 -0.55
N LYS A 6 -1.36 -8.71 0.16
CA LYS A 6 -2.61 -8.05 0.50
C LYS A 6 -2.37 -6.91 1.50
N ARG A 7 -1.40 -7.10 2.38
CA ARG A 7 -1.06 -6.10 3.38
C ARG A 7 -0.05 -5.09 2.83
N GLN A 8 0.80 -5.56 1.93
CA GLN A 8 1.81 -4.70 1.33
C GLN A 8 1.20 -3.83 0.23
N TYR A 9 0.16 -4.33 -0.41
CA TYR A 9 -0.51 -3.61 -1.48
C TYR A 9 -1.52 -2.62 -0.92
N LYS A 10 -2.06 -2.92 0.26
CA LYS A 10 -3.02 -2.05 0.90
C LYS A 10 -2.33 -0.92 1.66
N ASP A 11 -1.06 -1.13 1.98
CA ASP A 11 -0.28 -0.12 2.69
C ASP A 11 0.24 0.94 1.72
N MET A 12 0.57 0.52 0.51
CA MET A 12 1.08 1.43 -0.51
C MET A 12 -0.07 2.15 -1.22
N MET A 13 -1.23 1.52 -1.24
CA MET A 13 -2.41 2.09 -1.89
C MET A 13 -2.96 3.26 -1.08
N GLU A 15 -0.64 5.37 0.79
CA GLU A 15 0.39 6.39 0.73
C GLU A 15 0.60 6.85 -0.71
N GLY A 16 0.55 5.92 -1.65
CA GLY A 16 0.74 6.24 -3.04
C GLY A 16 2.07 6.92 -3.30
N GLY A 17 3.02 6.73 -2.39
CA GLY A 17 4.33 7.35 -2.54
C GLY A 17 4.68 8.25 -1.37
N PRO A 18 3.96 9.37 -1.24
CA PRO A 18 4.18 10.34 -0.17
C PRO A 18 3.77 9.80 1.19
N PRO A 19 4.07 10.56 2.25
CA PRO A 19 3.74 10.19 3.63
C PRO A 19 2.24 10.23 3.89
N GLY A 20 1.48 9.38 3.20
CA GLY A 20 0.05 9.34 3.38
C GLY A 20 -0.64 10.58 2.85
N ALA A 21 -0.21 11.03 1.67
CA ALA A 21 -0.79 12.22 1.06
C ALA A 21 -1.86 11.85 0.04
N GLU A 22 -1.44 11.25 -1.06
CA GLU A 22 -2.37 10.85 -2.11
C GLU A 22 -2.39 9.33 -2.27
N PRO A 23 -3.56 8.78 -2.60
CA PRO A 23 -3.74 7.34 -2.79
C PRO A 23 -3.03 6.82 -4.04
N GLN A 24 -2.35 5.68 -3.91
CA GLN A 24 -1.64 5.09 -5.02
C GLN A 24 -2.30 5.46 -6.36
N LYS A 1 1.85 -16.90 -0.40
CA LYS A 1 1.79 -15.49 -0.79
C LYS A 1 0.51 -14.85 -0.30
N LEU A 2 -0.59 -15.60 -0.36
CA LEU A 2 -1.89 -15.10 0.09
C LEU A 2 -1.78 -14.50 1.48
N GLY A 3 -1.88 -13.17 1.56
CA GLY A 3 -1.79 -12.50 2.85
C GLY A 3 -0.58 -11.60 2.96
N PHE A 4 0.45 -11.90 2.16
CA PHE A 4 1.68 -11.12 2.17
C PHE A 4 1.57 -9.92 1.24
N PHE A 5 1.05 -10.14 0.04
CA PHE A 5 0.89 -9.08 -0.95
C PHE A 5 -0.38 -8.29 -0.68
N LYS A 6 -1.36 -8.94 -0.07
CA LYS A 6 -2.63 -8.29 0.25
C LYS A 6 -2.45 -7.20 1.29
N ARG A 7 -1.54 -7.43 2.23
CA ARG A 7 -1.26 -6.45 3.28
C ARG A 7 -0.25 -5.41 2.80
N GLN A 8 0.66 -5.83 1.93
CA GLN A 8 1.68 -4.94 1.41
C GLN A 8 1.10 -4.05 0.30
N TYR A 9 0.05 -4.53 -0.34
CA TYR A 9 -0.60 -3.78 -1.41
C TYR A 9 -1.59 -2.76 -0.85
N LYS A 10 -2.20 -3.11 0.27
CA LYS A 10 -3.18 -2.23 0.92
C LYS A 10 -2.47 -1.09 1.65
N ASP A 11 -1.24 -1.33 2.07
CA ASP A 11 -0.47 -0.33 2.77
C ASP A 11 0.04 0.75 1.83
N MET A 12 0.46 0.33 0.64
CA MET A 12 0.96 1.26 -0.37
C MET A 12 -0.19 1.93 -1.11
N MET A 13 -1.36 1.30 -1.07
CA MET A 13 -2.54 1.84 -1.73
C MET A 13 -3.10 3.04 -0.98
N GLU A 15 -0.82 5.22 0.85
CA GLU A 15 0.21 6.25 0.75
C GLU A 15 0.50 6.59 -0.70
N GLY A 16 0.50 5.58 -1.56
CA GLY A 16 0.76 5.80 -2.98
C GLY A 16 2.11 6.43 -3.22
N GLY A 17 3.00 6.36 -2.23
CA GLY A 17 4.32 6.93 -2.36
C GLY A 17 4.62 7.96 -1.29
N PRO A 18 3.87 9.07 -1.31
CA PRO A 18 4.05 10.16 -0.35
C PRO A 18 3.58 9.78 1.05
N PRO A 19 3.83 10.66 2.02
CA PRO A 19 3.44 10.43 3.42
C PRO A 19 1.93 10.48 3.62
N GLY A 20 1.23 9.52 3.03
CA GLY A 20 -0.21 9.48 3.16
C GLY A 20 -0.90 10.61 2.43
N ALA A 21 -0.43 10.91 1.22
CA ALA A 21 -0.99 11.97 0.41
C ALA A 21 -2.01 11.42 -0.59
N GLU A 22 -1.52 10.61 -1.53
CA GLU A 22 -2.39 10.03 -2.55
C GLU A 22 -2.48 8.51 -2.37
N PRO A 23 -3.72 8.00 -2.28
CA PRO A 23 -3.98 6.57 -2.11
C PRO A 23 -3.64 5.76 -3.36
N GLN A 24 -2.36 5.41 -3.50
CA GLN A 24 -1.90 4.64 -4.65
C GLN A 24 -1.11 3.42 -4.21
N LYS A 1 1.89 -16.70 -0.63
CA LYS A 1 1.87 -15.25 -0.85
C LYS A 1 0.59 -14.64 -0.31
N LEU A 2 -0.50 -15.40 -0.34
CA LEU A 2 -1.78 -14.93 0.14
C LEU A 2 -1.65 -14.34 1.54
N GLY A 3 -1.76 -13.03 1.64
CA GLY A 3 -1.65 -12.36 2.92
C GLY A 3 -0.44 -11.45 3.01
N PHE A 4 0.57 -11.74 2.19
CA PHE A 4 1.79 -10.94 2.19
C PHE A 4 1.65 -9.75 1.26
N PHE A 5 1.12 -9.98 0.06
CA PHE A 5 0.94 -8.92 -0.92
C PHE A 5 -0.34 -8.13 -0.63
N LYS A 6 -1.31 -8.79 0.00
CA LYS A 6 -2.57 -8.15 0.34
C LYS A 6 -2.36 -7.04 1.37
N ARG A 7 -1.46 -7.27 2.30
CA ARG A 7 -1.17 -6.29 3.34
C ARG A 7 -0.18 -5.23 2.84
N GLN A 8 0.72 -5.65 1.96
CA GLN A 8 1.71 -4.74 1.40
C GLN A 8 1.11 -3.87 0.31
N TYR A 9 0.02 -4.36 -0.29
CA TYR A 9 -0.65 -3.62 -1.35
C TYR A 9 -1.62 -2.58 -0.77
N LYS A 10 -2.24 -2.93 0.35
CA LYS A 10 -3.17 -2.03 1.01
C LYS A 10 -2.44 -0.88 1.70
N ASP A 11 -1.20 -1.14 2.11
CA ASP A 11 -0.39 -0.14 2.79
C ASP A 11 0.07 0.94 1.80
N MET A 12 0.46 0.51 0.60
CA MET A 12 0.93 1.43 -0.43
C MET A 12 -0.26 2.12 -1.10
N MET A 13 -1.42 1.49 -1.06
CA MET A 13 -2.63 2.04 -1.67
C MET A 13 -3.18 3.18 -0.83
N GLU A 15 -0.87 5.44 0.91
CA GLU A 15 0.08 6.53 0.77
C GLU A 15 0.35 6.82 -0.70
N GLY A 16 0.36 5.78 -1.52
CA GLY A 16 0.62 5.95 -2.94
C GLY A 16 2.03 6.43 -3.22
N GLY A 17 2.89 6.39 -2.20
CA GLY A 17 4.25 6.83 -2.37
C GLY A 17 4.64 7.91 -1.38
N PRO A 18 3.97 9.07 -1.48
CA PRO A 18 4.23 10.21 -0.60
C PRO A 18 3.77 9.95 0.84
N PRO A 19 4.12 10.88 1.74
CA PRO A 19 3.75 10.77 3.15
C PRO A 19 2.25 10.96 3.39
N GLY A 20 1.46 10.04 2.84
CA GLY A 20 0.02 10.12 3.00
C GLY A 20 -0.59 11.25 2.20
N ALA A 21 -0.10 11.43 0.97
CA ALA A 21 -0.61 12.49 0.10
C ALA A 21 -1.67 11.96 -0.85
N GLU A 22 -1.26 11.05 -1.74
CA GLU A 22 -2.18 10.47 -2.70
C GLU A 22 -2.40 8.98 -2.41
N PRO A 23 -3.62 8.64 -1.96
CA PRO A 23 -3.98 7.25 -1.64
C PRO A 23 -4.09 6.38 -2.88
N GLN A 24 -3.13 5.47 -3.05
CA GLN A 24 -3.11 4.58 -4.20
C GLN A 24 -4.06 3.40 -3.98
N LYS A 1 2.19 -16.72 -0.36
CA LYS A 1 2.13 -15.29 -0.67
C LYS A 1 0.85 -14.67 -0.12
N LEU A 2 -0.21 -15.47 -0.06
CA LEU A 2 -1.50 -15.00 0.45
C LEU A 2 -1.33 -14.30 1.79
N GLY A 3 -1.47 -12.98 1.79
CA GLY A 3 -1.34 -12.22 3.03
C GLY A 3 -0.15 -11.28 3.00
N PHE A 4 0.83 -11.60 2.16
CA PHE A 4 2.04 -10.78 2.05
C PHE A 4 1.83 -9.64 1.04
N PHE A 5 1.26 -9.99 -0.11
CA PHE A 5 1.01 -9.01 -1.16
C PHE A 5 -0.28 -8.23 -0.89
N LYS A 6 -1.20 -8.87 -0.16
CA LYS A 6 -2.48 -8.25 0.17
C LYS A 6 -2.26 -7.06 1.12
N ARG A 7 -1.32 -7.20 2.03
CA ARG A 7 -1.02 -6.14 2.99
C ARG A 7 -0.08 -5.10 2.38
N GLN A 8 0.80 -5.55 1.49
CA GLN A 8 1.75 -4.65 0.84
C GLN A 8 1.08 -3.88 -0.29
N TYR A 9 -0.01 -4.43 -0.81
CA TYR A 9 -0.74 -3.80 -1.90
C TYR A 9 -1.72 -2.76 -1.36
N LYS A 10 -2.28 -3.04 -0.19
CA LYS A 10 -3.24 -2.13 0.44
C LYS A 10 -2.52 -0.96 1.10
N ASP A 11 -1.24 -1.15 1.41
CA ASP A 11 -0.44 -0.11 2.03
C ASP A 11 0.04 0.90 1.00
N MET A 12 0.41 0.40 -0.17
CA MET A 12 0.89 1.26 -1.24
C MET A 12 -0.25 2.10 -1.82
N MET A 13 -1.44 1.53 -1.85
CA MET A 13 -2.61 2.22 -2.38
C MET A 13 -3.14 3.25 -1.37
N GLU A 15 -0.76 5.14 0.67
CA GLU A 15 0.22 6.22 0.68
C GLU A 15 0.55 6.68 -0.74
N GLY A 16 0.56 5.74 -1.67
CA GLY A 16 0.86 6.07 -3.05
C GLY A 16 2.27 6.56 -3.24
N GLY A 17 3.11 6.35 -2.23
CA GLY A 17 4.49 6.78 -2.31
C GLY A 17 4.88 7.71 -1.16
N PRO A 18 4.23 8.88 -1.10
CA PRO A 18 4.49 9.88 -0.05
C PRO A 18 3.99 9.43 1.31
N PRO A 19 4.33 10.20 2.35
CA PRO A 19 3.92 9.90 3.73
C PRO A 19 2.42 10.09 3.95
N GLY A 20 1.63 9.28 3.26
CA GLY A 20 0.18 9.36 3.39
C GLY A 20 -0.39 10.62 2.74
N ALA A 21 0.14 10.96 1.57
CA ALA A 21 -0.32 12.14 0.85
C ALA A 21 -1.37 11.78 -0.20
N GLU A 22 -0.96 11.00 -1.19
CA GLU A 22 -1.87 10.58 -2.26
C GLU A 22 -2.11 9.08 -2.20
N PRO A 23 -3.34 8.70 -1.81
CA PRO A 23 -3.74 7.29 -1.70
C PRO A 23 -3.85 6.61 -3.06
N GLN A 24 -2.93 5.70 -3.35
CA GLN A 24 -2.93 4.98 -4.62
C GLN A 24 -3.96 3.86 -4.60
N LYS A 1 1.94 -16.64 -0.93
CA LYS A 1 1.93 -15.21 -1.14
C LYS A 1 0.67 -14.58 -0.56
N LEU A 2 -0.42 -15.35 -0.53
CA LEU A 2 -1.68 -14.87 0.02
C LEU A 2 -1.49 -14.28 1.40
N GLY A 3 -1.59 -12.96 1.50
CA GLY A 3 -1.42 -12.28 2.77
C GLY A 3 -0.21 -11.38 2.80
N PHE A 4 0.76 -11.67 1.93
CA PHE A 4 1.98 -10.88 1.87
C PHE A 4 1.80 -9.68 0.94
N PHE A 5 1.22 -9.92 -0.22
CA PHE A 5 0.98 -8.87 -1.21
C PHE A 5 -0.28 -8.08 -0.87
N LYS A 6 -1.21 -8.73 -0.18
CA LYS A 6 -2.46 -8.10 0.21
C LYS A 6 -2.22 -6.99 1.22
N ARG A 7 -1.26 -7.21 2.12
CA ARG A 7 -0.93 -6.22 3.14
C ARG A 7 0.03 -5.18 2.59
N GLN A 8 0.89 -5.59 1.67
CA GLN A 8 1.86 -4.68 1.07
C GLN A 8 1.20 -3.81 -0.01
N TYR A 9 0.10 -4.30 -0.55
CA TYR A 9 -0.63 -3.57 -1.58
C TYR A 9 -1.57 -2.55 -0.98
N LYS A 10 -2.13 -2.88 0.18
CA LYS A 10 -3.05 -1.99 0.88
C LYS A 10 -2.29 -0.87 1.59
N ASP A 11 -1.02 -1.13 1.91
CA ASP A 11 -0.19 -0.16 2.59
C ASP A 11 0.29 0.92 1.62
N MET A 12 0.53 0.52 0.38
CA MET A 12 0.99 1.45 -0.65
C MET A 12 -0.17 2.21 -1.27
N MET A 13 -1.35 1.60 -1.23
CA MET A 13 -2.55 2.21 -1.78
C MET A 13 -3.03 3.37 -0.91
N GLU A 15 -0.58 5.41 0.85
CA GLU A 15 0.45 6.44 0.74
C GLU A 15 0.57 6.92 -0.71
N GLY A 16 0.46 5.99 -1.65
CA GLY A 16 0.57 6.34 -3.05
C GLY A 16 1.87 7.03 -3.38
N GLY A 17 2.87 6.85 -2.53
CA GLY A 17 4.16 7.46 -2.75
C GLY A 17 4.58 8.36 -1.60
N PRO A 18 3.86 9.48 -1.42
CA PRO A 18 4.14 10.44 -0.35
C PRO A 18 3.81 9.89 1.03
N PRO A 19 4.17 10.65 2.07
CA PRO A 19 3.92 10.26 3.47
C PRO A 19 2.44 10.29 3.82
N GLY A 20 1.66 9.43 3.17
CA GLY A 20 0.23 9.38 3.44
C GLY A 20 -0.49 10.63 2.97
N ALA A 21 -0.14 11.10 1.78
CA ALA A 21 -0.76 12.30 1.21
C ALA A 21 -1.89 11.94 0.26
N GLU A 22 -1.52 11.35 -0.88
CA GLU A 22 -2.50 10.95 -1.88
C GLU A 22 -2.52 9.44 -2.06
N PRO A 23 -3.72 8.88 -2.34
CA PRO A 23 -3.89 7.45 -2.53
C PRO A 23 -3.26 6.95 -3.83
N GLN A 24 -2.58 5.82 -3.75
CA GLN A 24 -1.92 5.24 -4.92
C GLN A 24 -2.65 5.63 -6.20
N LYS A 1 2.12 -16.91 -0.69
CA LYS A 1 2.02 -15.49 -1.04
C LYS A 1 0.79 -14.87 -0.39
N LEU A 2 -0.30 -15.63 -0.33
CA LEU A 2 -1.54 -15.16 0.26
C LEU A 2 -1.30 -14.55 1.63
N GLY A 3 -1.40 -13.23 1.73
CA GLY A 3 -1.19 -12.55 2.99
C GLY A 3 0.03 -11.64 2.97
N PHE A 4 0.95 -11.93 2.06
CA PHE A 4 2.17 -11.13 1.94
C PHE A 4 1.94 -9.93 1.02
N PHE A 5 1.30 -10.17 -0.12
CA PHE A 5 1.02 -9.11 -1.08
C PHE A 5 -0.22 -8.33 -0.67
N LYS A 6 -1.13 -8.99 0.04
CA LYS A 6 -2.36 -8.35 0.50
C LYS A 6 -2.07 -7.25 1.50
N ARG A 7 -1.07 -7.48 2.35
CA ARG A 7 -0.69 -6.49 3.37
C ARG A 7 0.24 -5.43 2.77
N GLN A 8 1.06 -5.85 1.81
CA GLN A 8 1.99 -4.93 1.16
C GLN A 8 1.28 -4.07 0.14
N TYR A 9 0.15 -4.55 -0.36
CA TYR A 9 -0.63 -3.82 -1.35
C TYR A 9 -1.53 -2.79 -0.69
N LYS A 10 -2.05 -3.13 0.48
CA LYS A 10 -2.93 -2.24 1.23
C LYS A 10 -2.13 -1.09 1.86
N ASP A 11 -0.86 -1.35 2.14
CA ASP A 11 0.00 -0.34 2.74
C ASP A 11 0.37 0.74 1.73
N MET A 12 0.65 0.31 0.49
CA MET A 12 1.02 1.23 -0.57
C MET A 12 -0.22 1.92 -1.15
N MET A 13 -1.38 1.29 -0.96
CA MET A 13 -2.63 1.84 -1.46
C MET A 13 -3.13 2.97 -0.57
N GLU A 15 -0.70 5.24 0.97
CA GLU A 15 0.24 6.34 0.75
C GLU A 15 0.42 6.61 -0.74
N GLY A 16 0.38 5.55 -1.54
CA GLY A 16 0.55 5.70 -2.98
C GLY A 16 1.93 6.17 -3.36
N GLY A 17 2.85 6.14 -2.40
CA GLY A 17 4.21 6.57 -2.66
C GLY A 17 4.67 7.67 -1.71
N PRO A 18 3.99 8.82 -1.76
CA PRO A 18 4.31 9.97 -0.90
C PRO A 18 3.95 9.71 0.56
N PRO A 19 4.35 10.65 1.44
CA PRO A 19 4.09 10.54 2.87
C PRO A 19 2.61 10.73 3.20
N GLY A 20 1.78 9.82 2.71
CA GLY A 20 0.36 9.90 2.96
C GLY A 20 -0.31 11.03 2.19
N ALA A 21 0.09 11.20 0.94
CA ALA A 21 -0.46 12.26 0.10
C ALA A 21 -1.60 11.72 -0.78
N GLU A 22 -1.25 10.81 -1.67
CA GLU A 22 -2.24 10.22 -2.58
C GLU A 22 -2.45 8.73 -2.26
N PRO A 23 -3.62 8.42 -1.70
CA PRO A 23 -3.98 7.04 -1.34
C PRO A 23 -4.20 6.15 -2.55
N GLN A 24 -3.27 5.25 -2.80
CA GLN A 24 -3.37 4.35 -3.94
C GLN A 24 -4.32 3.19 -3.64
N LYS A 1 1.74 -16.75 -1.23
CA LYS A 1 1.73 -15.30 -1.41
C LYS A 1 0.49 -14.68 -0.79
N LEU A 2 -0.60 -15.43 -0.76
CA LEU A 2 -1.85 -14.96 -0.19
C LEU A 2 -1.63 -14.40 1.22
N GLY A 3 -1.70 -13.07 1.34
CA GLY A 3 -1.51 -12.45 2.64
C GLY A 3 -0.28 -11.56 2.67
N PHE A 4 0.67 -11.84 1.78
CA PHE A 4 1.91 -11.06 1.72
C PHE A 4 1.73 -9.83 0.82
N PHE A 5 1.11 -10.04 -0.34
CA PHE A 5 0.89 -8.96 -1.28
C PHE A 5 -0.36 -8.16 -0.90
N LYS A 6 -1.29 -8.82 -0.22
CA LYS A 6 -2.53 -8.17 0.20
C LYS A 6 -2.24 -7.09 1.25
N ARG A 7 -1.28 -7.36 2.12
CA ARG A 7 -0.91 -6.42 3.17
C ARG A 7 0.05 -5.36 2.64
N GLN A 8 0.90 -5.75 1.69
CA GLN A 8 1.87 -4.85 1.09
C GLN A 8 1.21 -3.94 0.06
N TYR A 9 0.08 -4.39 -0.48
CA TYR A 9 -0.64 -3.62 -1.49
C TYR A 9 -1.57 -2.60 -0.82
N LYS A 10 -2.11 -2.97 0.34
CA LYS A 10 -3.01 -2.09 1.07
C LYS A 10 -2.23 -1.05 1.86
N ASP A 11 -0.96 -1.34 2.14
CA ASP A 11 -0.09 -0.43 2.88
C ASP A 11 0.51 0.61 1.96
N MET A 12 0.72 0.23 0.69
CA MET A 12 1.31 1.13 -0.29
C MET A 12 0.24 2.02 -0.91
N MET A 13 -0.97 1.46 -1.09
CA MET A 13 -2.07 2.20 -1.67
C MET A 13 -2.59 3.27 -0.71
N GLU A 15 -0.29 5.33 1.17
CA GLU A 15 0.63 6.46 1.06
C GLU A 15 0.87 6.82 -0.40
N GLY A 16 0.95 5.80 -1.25
CA GLY A 16 1.19 6.03 -2.66
C GLY A 16 2.44 6.85 -2.93
N GLY A 17 3.33 6.88 -1.94
CA GLY A 17 4.57 7.63 -2.10
C GLY A 17 4.72 8.71 -1.04
N PRO A 18 3.86 9.73 -1.10
CA PRO A 18 3.89 10.84 -0.14
C PRO A 18 3.43 10.42 1.25
N PRO A 19 3.55 11.35 2.21
CA PRO A 19 3.16 11.09 3.60
C PRO A 19 1.65 10.98 3.77
N GLY A 20 1.07 9.95 3.14
CA GLY A 20 -0.36 9.75 3.23
C GLY A 20 -1.14 10.81 2.49
N ALA A 21 -0.71 11.13 1.28
CA ALA A 21 -1.37 12.14 0.47
C ALA A 21 -2.26 11.48 -0.59
N GLU A 22 -1.64 10.83 -1.56
CA GLU A 22 -2.38 10.17 -2.63
C GLU A 22 -2.15 8.66 -2.59
N PRO A 23 -3.21 7.89 -2.91
CA PRO A 23 -3.15 6.43 -2.91
C PRO A 23 -2.30 5.89 -4.05
N GLN A 24 -1.46 4.90 -3.76
CA GLN A 24 -0.60 4.30 -4.77
C GLN A 24 -1.25 4.35 -6.14
N LYS A 1 2.40 -16.55 -0.71
CA LYS A 1 2.34 -15.11 -0.94
C LYS A 1 1.11 -14.50 -0.28
N LEU A 2 0.05 -15.30 -0.18
CA LEU A 2 -1.19 -14.84 0.44
C LEU A 2 -0.92 -14.21 1.80
N GLY A 3 -1.06 -12.89 1.87
CA GLY A 3 -0.82 -12.18 3.12
C GLY A 3 0.37 -11.25 3.05
N PHE A 4 1.29 -11.54 2.14
CA PHE A 4 2.49 -10.72 1.97
C PHE A 4 2.22 -9.54 1.02
N PHE A 5 1.56 -9.83 -0.09
CA PHE A 5 1.24 -8.81 -1.09
C PHE A 5 -0.01 -8.04 -0.68
N LYS A 6 -0.88 -8.70 0.08
CA LYS A 6 -2.12 -8.08 0.53
C LYS A 6 -1.84 -6.93 1.51
N ARG A 7 -0.82 -7.12 2.35
CA ARG A 7 -0.44 -6.10 3.32
C ARG A 7 0.45 -5.04 2.69
N GLN A 8 1.27 -5.46 1.71
CA GLN A 8 2.17 -4.55 1.03
C GLN A 8 1.42 -3.73 -0.01
N TYR A 9 0.29 -4.24 -0.47
CA TYR A 9 -0.52 -3.56 -1.46
C TYR A 9 -1.44 -2.52 -0.81
N LYS A 10 -1.92 -2.85 0.38
CA LYS A 10 -2.80 -1.95 1.12
C LYS A 10 -2.01 -0.81 1.76
N ASP A 11 -0.72 -1.04 1.99
CA ASP A 11 0.13 -0.03 2.59
C ASP A 11 0.53 1.02 1.56
N MET A 12 0.68 0.60 0.31
CA MET A 12 1.06 1.51 -0.77
C MET A 12 -0.16 2.23 -1.32
N MET A 13 -1.33 1.60 -1.18
CA MET A 13 -2.57 2.18 -1.67
C MET A 13 -3.00 3.37 -0.80
N GLU A 15 -0.45 5.47 0.72
CA GLU A 15 0.55 6.48 0.51
C GLU A 15 0.58 6.94 -0.95
N GLY A 16 0.40 5.99 -1.87
CA GLY A 16 0.40 6.31 -3.28
C GLY A 16 1.68 6.99 -3.72
N GLY A 17 2.74 6.81 -2.94
CA GLY A 17 4.01 7.41 -3.27
C GLY A 17 4.53 8.31 -2.17
N PRO A 18 3.83 9.44 -1.95
CA PRO A 18 4.20 10.41 -0.92
C PRO A 18 3.98 9.89 0.49
N PRO A 19 4.41 10.66 1.49
CA PRO A 19 4.28 10.28 2.90
C PRO A 19 2.82 10.34 3.37
N GLY A 20 1.99 9.47 2.79
CA GLY A 20 0.58 9.44 3.16
C GLY A 20 -0.16 10.68 2.73
N ALA A 21 0.10 11.12 1.50
CA ALA A 21 -0.56 12.31 0.97
C ALA A 21 -1.77 11.93 0.11
N GLU A 22 -1.50 11.32 -1.04
CA GLU A 22 -2.57 10.92 -1.96
C GLU A 22 -2.60 9.39 -2.10
N PRO A 23 -3.82 8.85 -2.27
CA PRO A 23 -4.02 7.41 -2.42
C PRO A 23 -3.48 6.89 -3.76
N GLN A 24 -2.81 5.74 -3.71
CA GLN A 24 -2.24 5.14 -4.91
C GLN A 24 -3.06 5.51 -6.14
N LYS A 1 2.01 -16.66 -1.21
CA LYS A 1 1.99 -15.22 -1.37
C LYS A 1 0.71 -14.62 -0.78
N LEU A 2 -0.37 -15.40 -0.81
CA LEU A 2 -1.65 -14.95 -0.28
C LEU A 2 -1.50 -14.40 1.14
N GLY A 3 -1.60 -13.08 1.27
CA GLY A 3 -1.47 -12.46 2.57
C GLY A 3 -0.26 -11.55 2.67
N PHE A 4 0.73 -11.81 1.81
CA PHE A 4 1.96 -11.01 1.81
C PHE A 4 1.80 -9.78 0.92
N PHE A 5 1.23 -9.98 -0.26
CA PHE A 5 1.03 -8.89 -1.21
C PHE A 5 -0.25 -8.11 -0.87
N LYS A 6 -1.20 -8.79 -0.24
CA LYS A 6 -2.46 -8.18 0.14
C LYS A 6 -2.23 -7.10 1.21
N ARG A 7 -1.30 -7.36 2.12
CA ARG A 7 -0.99 -6.41 3.18
C ARG A 7 -0.03 -5.34 2.70
N GLN A 8 0.87 -5.72 1.78
CA GLN A 8 1.84 -4.79 1.23
C GLN A 8 1.21 -3.89 0.18
N TYR A 9 0.11 -4.35 -0.41
CA TYR A 9 -0.60 -3.58 -1.43
C TYR A 9 -1.55 -2.58 -0.79
N LYS A 10 -2.14 -2.95 0.33
CA LYS A 10 -3.06 -2.09 1.05
C LYS A 10 -2.32 -0.96 1.76
N ASP A 11 -1.07 -1.23 2.13
CA ASP A 11 -0.26 -0.23 2.81
C ASP A 11 0.18 0.86 1.85
N MET A 12 0.55 0.48 0.64
CA MET A 12 0.99 1.44 -0.37
C MET A 12 -0.21 2.10 -1.04
N MET A 13 -1.38 1.50 -0.89
CA MET A 13 -2.61 2.03 -1.48
C MET A 13 -3.11 3.25 -0.71
N GLU A 15 -0.71 5.38 1.01
CA GLU A 15 0.33 6.40 0.86
C GLU A 15 0.57 6.72 -0.61
N GLY A 16 0.50 5.70 -1.46
CA GLY A 16 0.70 5.91 -2.88
C GLY A 16 2.07 6.47 -3.20
N GLY A 17 2.98 6.38 -2.23
CA GLY A 17 4.32 6.89 -2.42
C GLY A 17 4.71 7.94 -1.40
N PRO A 18 4.00 9.07 -1.41
CA PRO A 18 4.26 10.18 -0.48
C PRO A 18 3.84 9.83 0.95
N PRO A 19 4.16 10.74 1.89
CA PRO A 19 3.83 10.55 3.30
C PRO A 19 2.33 10.66 3.58
N GLY A 20 1.57 9.71 3.04
CA GLY A 20 0.13 9.72 3.23
C GLY A 20 -0.55 10.86 2.50
N ALA A 21 -0.11 11.11 1.28
CA ALA A 21 -0.68 12.19 0.47
C ALA A 21 -1.75 11.65 -0.48
N GLU A 22 -1.34 10.81 -1.42
CA GLU A 22 -2.27 10.22 -2.38
C GLU A 22 -2.41 8.73 -2.17
N PRO A 23 -3.65 8.27 -1.94
CA PRO A 23 -3.95 6.86 -1.71
C PRO A 23 -3.78 6.02 -2.98
N GLN A 24 -2.53 5.64 -3.27
CA GLN A 24 -2.23 4.83 -4.45
C GLN A 24 -1.37 3.63 -4.08
N LYS A 1 1.70 -16.63 -1.52
CA LYS A 1 1.69 -15.18 -1.67
C LYS A 1 0.52 -14.56 -0.91
N LEU A 2 -0.57 -15.32 -0.79
CA LEU A 2 -1.75 -14.85 -0.08
C LEU A 2 -1.39 -14.32 1.29
N GLY A 3 -1.45 -13.00 1.44
CA GLY A 3 -1.13 -12.38 2.72
C GLY A 3 0.10 -11.49 2.64
N PHE A 4 0.96 -11.76 1.66
CA PHE A 4 2.18 -10.99 1.48
C PHE A 4 1.91 -9.75 0.63
N PHE A 5 1.20 -9.94 -0.47
CA PHE A 5 0.87 -8.83 -1.37
C PHE A 5 -0.32 -8.05 -0.86
N LYS A 6 -1.18 -8.71 -0.10
CA LYS A 6 -2.37 -8.07 0.46
C LYS A 6 -1.98 -7.00 1.48
N ARG A 7 -0.93 -7.28 2.24
CA ARG A 7 -0.46 -6.35 3.27
C ARG A 7 0.45 -5.29 2.64
N GLN A 8 1.18 -5.67 1.62
CA GLN A 8 2.10 -4.77 0.94
C GLN A 8 1.33 -3.84 -0.01
N TYR A 9 0.16 -4.28 -0.44
CA TYR A 9 -0.67 -3.51 -1.35
C TYR A 9 -1.50 -2.48 -0.59
N LYS A 10 -1.93 -2.85 0.61
CA LYS A 10 -2.74 -1.97 1.44
C LYS A 10 -1.87 -0.92 2.12
N ASP A 11 -0.59 -1.22 2.27
CA ASP A 11 0.35 -0.29 2.90
C ASP A 11 0.82 0.76 1.90
N MET A 12 0.94 0.37 0.65
CA MET A 12 1.38 1.28 -0.41
C MET A 12 0.22 2.15 -0.89
N MET A 13 -0.97 1.57 -0.92
CA MET A 13 -2.16 2.29 -1.37
C MET A 13 -2.56 3.35 -0.35
N GLU A 15 -0.08 5.48 1.21
CA GLU A 15 0.79 6.62 0.97
C GLU A 15 0.84 6.96 -0.51
N GLY A 16 0.84 5.93 -1.36
CA GLY A 16 0.89 6.14 -2.79
C GLY A 16 2.09 6.97 -3.20
N GLY A 17 3.10 7.04 -2.35
CA GLY A 17 4.28 7.82 -2.65
C GLY A 17 4.54 8.92 -1.63
N PRO A 18 3.65 9.93 -1.61
CA PRO A 18 3.77 11.05 -0.68
C PRO A 18 3.50 10.66 0.76
N PRO A 19 3.71 11.59 1.69
CA PRO A 19 3.50 11.36 3.12
C PRO A 19 2.01 11.22 3.47
N GLY A 20 1.39 10.17 2.94
CA GLY A 20 -0.02 9.94 3.20
C GLY A 20 -0.91 10.97 2.53
N ALA A 21 -0.62 11.29 1.27
CA ALA A 21 -1.40 12.26 0.53
C ALA A 21 -2.39 11.57 -0.40
N GLU A 22 -1.88 10.92 -1.43
CA GLU A 22 -2.72 10.22 -2.40
C GLU A 22 -2.45 8.71 -2.36
N PRO A 23 -3.53 7.92 -2.52
CA PRO A 23 -3.44 6.46 -2.51
C PRO A 23 -2.72 5.91 -3.74
N GLN A 24 -1.83 4.95 -3.54
CA GLN A 24 -1.08 4.34 -4.63
C GLN A 24 -1.90 4.35 -5.91
N LYS A 1 2.61 -16.57 -0.29
CA LYS A 1 2.52 -15.14 -0.59
C LYS A 1 1.24 -14.55 0.00
N LEU A 2 0.20 -15.37 0.09
CA LEU A 2 -1.08 -14.93 0.63
C LEU A 2 -0.89 -14.23 1.97
N GLY A 3 -1.05 -12.91 1.98
CA GLY A 3 -0.90 -12.15 3.22
C GLY A 3 0.27 -11.19 3.16
N PHE A 4 1.23 -11.49 2.29
CA PHE A 4 2.41 -10.64 2.15
C PHE A 4 2.16 -9.52 1.15
N PHE A 5 1.57 -9.88 0.01
CA PHE A 5 1.27 -8.90 -1.03
C PHE A 5 -0.03 -8.16 -0.72
N LYS A 6 -0.91 -8.80 0.02
CA LYS A 6 -2.19 -8.20 0.40
C LYS A 6 -1.97 -7.00 1.32
N ARG A 7 -1.00 -7.12 2.22
CA ARG A 7 -0.69 -6.05 3.15
C ARG A 7 0.20 -4.99 2.51
N GLN A 8 1.07 -5.43 1.60
CA GLN A 8 1.98 -4.53 0.92
C GLN A 8 1.26 -3.77 -0.20
N TYR A 9 0.17 -4.35 -0.69
CA TYR A 9 -0.61 -3.72 -1.75
C TYR A 9 -1.58 -2.71 -1.20
N LYS A 10 -2.11 -3.00 -0.01
CA LYS A 10 -3.06 -2.11 0.65
C LYS A 10 -2.35 -0.91 1.27
N ASP A 11 -1.06 -1.07 1.56
CA ASP A 11 -0.27 -0.02 2.16
C ASP A 11 0.18 0.99 1.10
N MET A 12 0.52 0.50 -0.09
CA MET A 12 0.96 1.36 -1.18
C MET A 12 -0.22 2.15 -1.75
N MET A 13 -1.40 1.55 -1.72
CA MET A 13 -2.60 2.20 -2.23
C MET A 13 -3.12 3.25 -1.25
N GLU A 15 -0.72 5.24 0.66
CA GLU A 15 0.25 6.32 0.62
C GLU A 15 0.52 6.76 -0.82
N GLY A 16 0.51 5.80 -1.74
CA GLY A 16 0.76 6.11 -3.13
C GLY A 16 2.17 6.60 -3.37
N GLY A 17 3.03 6.45 -2.37
CA GLY A 17 4.41 6.90 -2.51
C GLY A 17 4.81 7.88 -1.42
N PRO A 18 4.14 9.05 -1.40
CA PRO A 18 4.42 10.10 -0.42
C PRO A 18 3.96 9.70 0.99
N PRO A 19 4.32 10.55 1.97
CA PRO A 19 3.96 10.31 3.37
C PRO A 19 2.47 10.47 3.63
N GLY A 20 1.67 9.61 3.01
CA GLY A 20 0.22 9.67 3.18
C GLY A 20 -0.39 10.88 2.50
N ALA A 21 0.14 11.23 1.33
CA ALA A 21 -0.36 12.37 0.58
C ALA A 21 -1.44 11.95 -0.42
N GLU A 22 -1.05 11.14 -1.40
CA GLU A 22 -1.99 10.66 -2.41
C GLU A 22 -2.19 9.16 -2.29
N PRO A 23 -3.39 8.76 -1.83
CA PRO A 23 -3.75 7.34 -1.66
C PRO A 23 -3.92 6.63 -2.99
N GLN A 24 -3.01 5.68 -3.26
CA GLN A 24 -3.06 4.92 -4.50
C GLN A 24 -4.07 3.78 -4.40
N LYS A 1 1.66 -16.68 -0.65
CA LYS A 1 1.60 -15.26 -0.99
C LYS A 1 0.36 -14.60 -0.39
N LEU A 2 -0.74 -15.34 -0.36
CA LEU A 2 -1.99 -14.83 0.18
C LEU A 2 -1.77 -14.24 1.57
N GLY A 3 -1.85 -12.91 1.66
CA GLY A 3 -1.66 -12.24 2.93
C GLY A 3 -0.42 -11.36 2.95
N PHE A 4 0.54 -11.67 2.07
CA PHE A 4 1.77 -10.90 1.99
C PHE A 4 1.60 -9.70 1.07
N PHE A 5 0.99 -9.92 -0.09
CA PHE A 5 0.77 -8.85 -1.06
C PHE A 5 -0.46 -8.03 -0.70
N LYS A 6 -1.41 -8.68 -0.01
CA LYS A 6 -2.63 -8.01 0.40
C LYS A 6 -2.35 -6.91 1.42
N ARG A 7 -1.38 -7.18 2.30
CA ARG A 7 -1.01 -6.22 3.34
C ARG A 7 -0.03 -5.17 2.78
N GLN A 8 0.80 -5.60 1.85
CA GLN A 8 1.78 -4.70 1.23
C GLN A 8 1.12 -3.81 0.18
N TYR A 9 0.00 -4.26 -0.34
CA TYR A 9 -0.73 -3.52 -1.36
C TYR A 9 -1.63 -2.47 -0.72
N LYS A 10 -2.18 -2.79 0.45
CA LYS A 10 -3.07 -1.88 1.16
C LYS A 10 -2.26 -0.82 1.90
N ASP A 11 -1.00 -1.12 2.19
CA ASP A 11 -0.13 -0.19 2.89
C ASP A 11 0.46 0.83 1.91
N MET A 12 0.67 0.41 0.68
CA MET A 12 1.22 1.29 -0.35
C MET A 12 0.14 2.17 -0.95
N MET A 13 -1.06 1.61 -1.10
CA MET A 13 -2.19 2.35 -1.67
C MET A 13 -2.66 3.44 -0.71
N GLU A 15 -0.32 5.53 1.08
CA GLU A 15 0.60 6.65 0.93
C GLU A 15 0.81 6.98 -0.55
N GLY A 16 0.88 5.94 -1.38
CA GLY A 16 1.08 6.13 -2.80
C GLY A 16 2.33 6.95 -3.11
N GLY A 17 3.24 7.00 -2.14
CA GLY A 17 4.46 7.75 -2.33
C GLY A 17 4.64 8.85 -1.30
N PRO A 18 3.78 9.88 -1.37
CA PRO A 18 3.82 11.01 -0.45
C PRO A 18 3.39 10.63 0.96
N PRO A 19 3.52 11.58 1.90
CA PRO A 19 3.16 11.36 3.30
C PRO A 19 1.65 11.24 3.50
N GLY A 20 1.07 10.21 2.91
CA GLY A 20 -0.37 10.00 3.04
C GLY A 20 -1.17 11.03 2.27
N ALA A 21 -0.74 11.33 1.05
CA ALA A 21 -1.42 12.32 0.22
C ALA A 21 -2.33 11.64 -0.80
N GLU A 22 -1.72 10.97 -1.77
CA GLU A 22 -2.48 10.27 -2.81
C GLU A 22 -2.25 8.77 -2.74
N PRO A 23 -3.31 7.99 -3.00
CA PRO A 23 -3.25 6.53 -2.97
C PRO A 23 -2.42 5.96 -4.12
N GLN A 24 -1.58 4.98 -3.81
CA GLN A 24 -0.73 4.36 -4.82
C GLN A 24 -1.42 4.35 -6.19
N LYS A 1 1.64 -16.90 -1.04
CA LYS A 1 1.65 -15.45 -1.24
C LYS A 1 0.39 -14.81 -0.65
N LEU A 2 -0.70 -15.56 -0.65
CA LEU A 2 -1.97 -15.07 -0.11
C LEU A 2 -1.78 -14.49 1.29
N GLY A 3 -1.86 -13.17 1.38
CA GLY A 3 -1.71 -12.51 2.67
C GLY A 3 -0.47 -11.63 2.72
N PHE A 4 0.50 -11.93 1.87
CA PHE A 4 1.74 -11.15 1.81
C PHE A 4 1.59 -9.94 0.90
N PHE A 5 1.01 -10.16 -0.26
CA PHE A 5 0.80 -9.08 -1.23
C PHE A 5 -0.44 -8.28 -0.89
N LYS A 6 -1.40 -8.93 -0.23
CA LYS A 6 -2.65 -8.27 0.15
C LYS A 6 -2.38 -7.18 1.19
N ARG A 7 -1.44 -7.44 2.09
CA ARG A 7 -1.10 -6.48 3.13
C ARG A 7 -0.11 -5.43 2.60
N GLN A 8 0.75 -5.84 1.68
CA GLN A 8 1.73 -4.95 1.11
C GLN A 8 1.10 -4.06 0.04
N TYR A 9 -0.01 -4.51 -0.52
CA TYR A 9 -0.72 -3.75 -1.55
C TYR A 9 -1.64 -2.71 -0.92
N LYS A 10 -2.22 -3.06 0.22
CA LYS A 10 -3.12 -2.15 0.92
C LYS A 10 -2.34 -1.08 1.69
N ASP A 11 -1.08 -1.39 1.99
CA ASP A 11 -0.23 -0.46 2.72
C ASP A 11 0.36 0.59 1.78
N MET A 12 0.61 0.18 0.53
CA MET A 12 1.17 1.09 -0.47
C MET A 12 0.09 1.96 -1.08
N MET A 13 -1.09 1.39 -1.27
CA MET A 13 -2.22 2.13 -1.85
C MET A 13 -2.71 3.20 -0.88
N GLU A 15 -0.44 5.32 0.94
CA GLU A 15 0.45 6.46 0.80
C GLU A 15 0.68 6.78 -0.67
N GLY A 16 0.79 5.74 -1.49
CA GLY A 16 1.01 5.93 -2.91
C GLY A 16 2.24 6.76 -3.20
N GLY A 17 3.14 6.85 -2.22
CA GLY A 17 4.36 7.61 -2.40
C GLY A 17 4.47 8.76 -1.40
N PRO A 18 3.58 9.75 -1.53
CA PRO A 18 3.56 10.91 -0.64
C PRO A 18 3.12 10.56 0.78
N PRO A 19 3.18 11.55 1.69
CA PRO A 19 2.80 11.36 3.08
C PRO A 19 1.30 11.16 3.26
N GLY A 20 0.78 10.06 2.73
CA GLY A 20 -0.64 9.78 2.83
C GLY A 20 -1.48 10.80 2.08
N ALA A 21 -1.07 11.13 0.87
CA ALA A 21 -1.80 12.09 0.05
C ALA A 21 -2.63 11.40 -1.02
N GLU A 22 -1.95 10.76 -1.97
CA GLU A 22 -2.62 10.05 -3.05
C GLU A 22 -2.37 8.54 -2.96
N PRO A 23 -3.41 7.75 -3.24
CA PRO A 23 -3.32 6.28 -3.20
C PRO A 23 -2.47 5.72 -4.32
N GLN A 24 -1.61 4.76 -3.98
CA GLN A 24 -0.74 4.14 -4.97
C GLN A 24 -1.40 4.10 -6.34
N LYS A 1 1.89 -16.74 -0.95
CA LYS A 1 1.83 -15.32 -1.27
C LYS A 1 0.57 -14.68 -0.69
N LEU A 2 -0.53 -15.43 -0.71
CA LEU A 2 -1.79 -14.93 -0.18
C LEU A 2 -1.62 -14.36 1.22
N GLY A 3 -1.69 -13.04 1.33
CA GLY A 3 -1.54 -12.38 2.61
C GLY A 3 -0.31 -11.50 2.67
N PHE A 4 0.67 -11.78 1.82
CA PHE A 4 1.90 -11.01 1.78
C PHE A 4 1.75 -9.79 0.87
N PHE A 5 1.17 -10.00 -0.30
CA PHE A 5 0.97 -8.92 -1.26
C PHE A 5 -0.29 -8.12 -0.92
N LYS A 6 -1.24 -8.78 -0.26
CA LYS A 6 -2.48 -8.13 0.13
C LYS A 6 -2.22 -7.04 1.17
N ARG A 7 -1.28 -7.30 2.07
CA ARG A 7 -0.94 -6.36 3.12
C ARG A 7 0.04 -5.31 2.61
N GLN A 8 0.91 -5.72 1.69
CA GLN A 8 1.90 -4.81 1.11
C GLN A 8 1.27 -3.90 0.07
N TYR A 9 0.15 -4.35 -0.51
CA TYR A 9 -0.55 -3.59 -1.53
C TYR A 9 -1.48 -2.56 -0.90
N LYS A 10 -2.06 -2.92 0.24
CA LYS A 10 -2.96 -2.03 0.95
C LYS A 10 -2.20 -0.98 1.73
N ASP A 11 -0.95 -1.28 2.06
CA ASP A 11 -0.11 -0.36 2.81
C ASP A 11 0.52 0.68 1.88
N MET A 12 0.77 0.29 0.63
CA MET A 12 1.36 1.18 -0.35
C MET A 12 0.30 2.07 -0.99
N MET A 13 -0.89 1.50 -1.20
CA MET A 13 -1.99 2.24 -1.81
C MET A 13 -2.52 3.31 -0.85
N GLU A 15 -0.27 5.41 1.05
CA GLU A 15 0.64 6.55 0.94
C GLU A 15 0.94 6.85 -0.52
N GLY A 16 1.07 5.81 -1.32
CA GLY A 16 1.37 5.99 -2.74
C GLY A 16 2.62 6.82 -2.97
N GLY A 17 3.47 6.90 -1.95
CA GLY A 17 4.70 7.67 -2.06
C GLY A 17 4.78 8.78 -1.04
N PRO A 18 3.91 9.80 -1.18
CA PRO A 18 3.86 10.94 -0.27
C PRO A 18 3.35 10.57 1.11
N PRO A 19 3.41 11.53 2.05
CA PRO A 19 2.96 11.32 3.42
C PRO A 19 1.45 11.17 3.53
N GLY A 20 0.91 10.12 2.91
CA GLY A 20 -0.51 9.89 2.94
C GLY A 20 -1.29 10.90 2.12
N ALA A 21 -0.79 11.20 0.92
CA ALA A 21 -1.44 12.16 0.04
C ALA A 21 -2.26 11.45 -1.03
N GLU A 22 -1.58 10.78 -1.95
CA GLU A 22 -2.24 10.07 -3.04
C GLU A 22 -1.99 8.57 -2.93
N PRO A 23 -3.01 7.76 -3.26
CA PRO A 23 -2.91 6.30 -3.22
C PRO A 23 -2.01 5.75 -4.31
N GLN A 24 -1.16 4.79 -3.95
CA GLN A 24 -0.24 4.19 -4.90
C GLN A 24 -0.82 4.20 -6.30
#